data_4AYS
#
_entry.id   4AYS
#
_cell.length_a   129.180
_cell.length_b   129.180
_cell.length_c   122.370
_cell.angle_alpha   90.00
_cell.angle_beta   90.00
_cell.angle_gamma   90.00
#
_symmetry.space_group_name_H-M   'P 43 21 2'
#
_entity_poly.entity_id   1
_entity_poly.type   'polypeptide(L)'
_entity_poly.pdbx_seq_one_letter_code
;GLPGMLTPDLAARLRLAFDDDRDAETFRLRLERYGPELADNLRAVYGNHADALIGELLEVMLHAYHARPADLKRLDEARL
LRPDWLQGPEMVGYVAYVDRFAGTLRGVGERLEYLEGLGVTYLHLLPLLRPRDGENDGGYAVQDYRSVRPDLGTIDDLSA
LARELRGRGISLVLDLVLNHVAEEHEWAVRATAGEAAYRDYFHIFPDRTQPDAYERTLPEIFPDFAPGNFTWNGEAGGWV
WTTFNRSQWDVNWGNPAVFREYLDLILTLANRGVEVFRLDAIAFLWKRLGTDCQNQPEVHRLTHALRAATRIVAPAVAFK
AEAIVAPGDLIHYLGSRDHHGRVSDMAYHNSLMVQLWSSLASRDTRLLTAALAAFPPKPTNTTWGVYVRCHDDIGWAIAD
EDAARVGLSGPAHRHFLSDFYSGEFPGSFARGLVFQHHPQTGDRRISGTAASLAGLDLALETGDAERVNDALARLLLLHA
VMLGFGGVPLLYMGDELALLNDTDFAAVPAHAADNRWVHRPQMDWELVASAQADAATGQPVTPAGRMFAGLRHLLAVRRR
TPHLHASTESRPLPSPDPCVLLLRREHPTGVLLQVYNFSEHHITFPTWPLQEQLGAVAHDLLGESQFHLGGPDLALEPYR
ALWLVAGG
;
_entity_poly.pdbx_strand_id   A
#
# COMPACT_ATOMS: atom_id res chain seq x y z
N ASP A 20 -37.03 5.62 13.15
CA ASP A 20 -37.62 5.94 11.87
C ASP A 20 -37.97 4.68 11.10
N ASP A 21 -38.85 4.81 10.12
CA ASP A 21 -39.23 3.69 9.27
C ASP A 21 -38.27 3.63 8.09
N ARG A 22 -37.75 4.79 7.70
CA ARG A 22 -36.86 4.91 6.56
C ARG A 22 -35.53 4.21 6.84
N ASP A 23 -35.01 4.38 8.05
CA ASP A 23 -33.76 3.75 8.46
C ASP A 23 -33.91 2.23 8.55
N ALA A 24 -35.00 1.79 9.16
CA ALA A 24 -35.26 0.37 9.30
C ALA A 24 -35.41 -0.29 7.94
N GLU A 25 -36.09 0.40 7.04
CA GLU A 25 -36.30 -0.09 5.68
C GLU A 25 -34.98 -0.16 4.93
N THR A 26 -34.18 0.90 5.03
CA THR A 26 -32.86 0.95 4.44
C THR A 26 -32.01 -0.23 4.89
N PHE A 27 -31.95 -0.43 6.19
CA PHE A 27 -31.22 -1.55 6.77
C PHE A 27 -31.73 -2.88 6.20
N ARG A 28 -33.05 -3.03 6.13
CA ARG A 28 -33.63 -4.26 5.61
C ARG A 28 -33.18 -4.51 4.17
N LEU A 29 -33.15 -3.46 3.36
CA LEU A 29 -32.74 -3.58 1.97
C LEU A 29 -31.27 -3.97 1.84
N ARG A 30 -30.42 -3.33 2.64
CA ARG A 30 -29.00 -3.64 2.64
C ARG A 30 -28.75 -5.07 3.10
N LEU A 31 -29.55 -5.54 4.04
CA LEU A 31 -29.40 -6.89 4.57
C LEU A 31 -29.92 -7.93 3.59
N GLU A 32 -30.93 -7.56 2.80
CA GLU A 32 -31.43 -8.44 1.76
C GLU A 32 -30.41 -8.51 0.62
N ARG A 33 -29.61 -7.46 0.49
CA ARG A 33 -28.55 -7.42 -0.51
C ARG A 33 -27.33 -8.24 -0.10
N TYR A 34 -26.66 -7.79 0.96
CA TYR A 34 -25.37 -8.36 1.34
C TYR A 34 -25.48 -9.53 2.33
N GLY A 35 -26.66 -9.71 2.90
CA GLY A 35 -26.89 -10.78 3.86
C GLY A 35 -26.46 -12.16 3.43
N PRO A 36 -26.98 -12.64 2.27
CA PRO A 36 -26.63 -14.00 1.83
C PRO A 36 -25.13 -14.21 1.61
N GLU A 37 -24.41 -13.20 1.13
CA GLU A 37 -22.96 -13.29 1.03
C GLU A 37 -22.37 -13.59 2.40
N LEU A 38 -22.77 -12.78 3.37
CA LEU A 38 -22.30 -12.87 4.75
C LEU A 38 -22.58 -14.23 5.37
N ALA A 39 -23.83 -14.68 5.23
CA ALA A 39 -24.25 -15.96 5.80
C ALA A 39 -23.51 -17.15 5.19
N ASP A 40 -23.30 -17.11 3.88
CA ASP A 40 -22.66 -18.22 3.18
C ASP A 40 -21.21 -18.43 3.63
N ASN A 41 -20.46 -17.35 3.77
CA ASN A 41 -19.07 -17.46 4.20
C ASN A 41 -18.94 -17.93 5.64
N LEU A 42 -19.85 -17.45 6.50
CA LEU A 42 -19.83 -17.85 7.90
C LEU A 42 -20.17 -19.32 8.06
N ARG A 43 -21.16 -19.79 7.30
CA ARG A 43 -21.53 -21.19 7.35
C ARG A 43 -20.44 -22.06 6.74
N ALA A 44 -19.58 -21.45 5.93
CA ALA A 44 -18.51 -22.17 5.26
C ALA A 44 -17.34 -22.48 6.19
N VAL A 45 -17.07 -21.59 7.13
CA VAL A 45 -15.92 -21.76 8.01
C VAL A 45 -16.27 -22.09 9.46
N TYR A 46 -17.51 -21.85 9.85
CA TYR A 46 -17.94 -22.15 11.22
C TYR A 46 -18.96 -23.29 11.30
N GLY A 47 -19.44 -23.72 10.13
CA GLY A 47 -20.36 -24.84 10.06
C GLY A 47 -21.66 -24.62 10.79
N ASN A 48 -21.89 -25.41 11.83
CA ASN A 48 -23.13 -25.34 12.60
C ASN A 48 -23.11 -24.25 13.66
N HIS A 49 -21.92 -23.73 13.96
CA HIS A 49 -21.77 -22.64 14.91
C HIS A 49 -22.10 -21.31 14.25
N ALA A 50 -22.40 -21.35 12.96
CA ALA A 50 -22.65 -20.15 12.18
C ALA A 50 -23.97 -19.48 12.54
N ASP A 51 -25.04 -20.27 12.67
CA ASP A 51 -26.36 -19.76 13.00
C ASP A 51 -26.37 -18.90 14.26
N ALA A 52 -25.81 -19.44 15.34
CA ALA A 52 -25.76 -18.75 16.62
C ALA A 52 -24.95 -17.45 16.55
N LEU A 53 -23.96 -17.44 15.65
CA LEU A 53 -23.12 -16.25 15.47
C LEU A 53 -23.85 -15.20 14.64
N ILE A 54 -24.57 -15.65 13.63
CA ILE A 54 -25.33 -14.77 12.76
C ILE A 54 -26.34 -13.93 13.55
N GLY A 55 -27.05 -14.59 14.48
CA GLY A 55 -27.99 -13.91 15.35
C GLY A 55 -27.30 -12.86 16.20
N GLU A 56 -26.09 -13.17 16.65
CA GLU A 56 -25.31 -12.22 17.45
C GLU A 56 -24.87 -11.03 16.61
N LEU A 57 -24.31 -11.30 15.45
CA LEU A 57 -23.83 -10.25 14.55
C LEU A 57 -24.95 -9.32 14.13
N LEU A 58 -26.15 -9.87 14.04
CA LEU A 58 -27.33 -9.08 13.69
C LEU A 58 -27.51 -7.97 14.72
N GLU A 59 -27.39 -8.33 16.00
CA GLU A 59 -27.52 -7.36 17.07
C GLU A 59 -26.37 -6.36 17.05
N VAL A 60 -25.16 -6.84 16.78
CA VAL A 60 -23.98 -5.99 16.71
C VAL A 60 -24.11 -5.00 15.56
N MET A 61 -24.61 -5.47 14.42
CA MET A 61 -24.80 -4.63 13.26
C MET A 61 -25.89 -3.58 13.50
N LEU A 62 -27.00 -4.02 14.07
CA LEU A 62 -28.11 -3.12 14.37
C LEU A 62 -27.69 -2.01 15.32
N HIS A 63 -26.91 -2.37 16.34
CA HIS A 63 -26.46 -1.40 17.32
C HIS A 63 -25.55 -0.39 16.66
N ALA A 64 -24.65 -0.88 15.79
CA ALA A 64 -23.71 -0.03 15.09
C ALA A 64 -24.43 0.90 14.12
N TYR A 65 -25.40 0.35 13.40
CA TYR A 65 -26.12 1.09 12.36
C TYR A 65 -26.96 2.24 12.89
N HIS A 66 -27.61 2.03 14.03
CA HIS A 66 -28.46 3.06 14.59
C HIS A 66 -27.67 4.09 15.39
N ALA A 67 -26.44 3.73 15.75
CA ALA A 67 -25.57 4.63 16.51
C ALA A 67 -24.67 5.45 15.59
N ARG A 68 -24.74 5.16 14.29
CA ARG A 68 -23.93 5.84 13.29
C ARG A 68 -24.44 7.25 13.05
N PRO A 69 -23.56 8.25 13.22
CA PRO A 69 -23.89 9.67 13.05
C PRO A 69 -24.55 9.96 11.69
N ALA A 70 -25.42 10.96 11.65
CA ALA A 70 -26.17 11.29 10.44
C ALA A 70 -25.26 11.66 9.28
N ASP A 71 -24.21 12.41 9.56
CA ASP A 71 -23.29 12.85 8.50
C ASP A 71 -22.56 11.67 7.86
N LEU A 72 -22.26 10.66 8.66
CA LEU A 72 -21.63 9.45 8.13
C LEU A 72 -22.62 8.58 7.37
N LYS A 73 -23.91 8.73 7.69
CA LYS A 73 -24.96 8.05 6.95
C LYS A 73 -25.13 8.69 5.59
N ARG A 74 -25.01 10.02 5.56
CA ARG A 74 -25.02 10.77 4.31
C ARG A 74 -23.81 10.40 3.47
N LEU A 75 -22.67 10.24 4.13
CA LEU A 75 -21.48 9.75 3.46
C LEU A 75 -21.73 8.36 2.87
N ASP A 76 -22.35 7.48 3.65
CA ASP A 76 -22.71 6.14 3.18
C ASP A 76 -23.52 6.20 1.89
N GLU A 77 -24.59 6.98 1.90
CA GLU A 77 -25.46 7.12 0.74
C GLU A 77 -24.66 7.64 -0.46
N ALA A 78 -23.87 8.68 -0.22
CA ALA A 78 -23.01 9.27 -1.23
C ALA A 78 -22.08 8.24 -1.88
N ARG A 79 -21.53 7.35 -1.06
CA ARG A 79 -20.56 6.36 -1.52
C ARG A 79 -21.26 5.18 -2.19
N LEU A 80 -22.56 5.07 -1.95
CA LEU A 80 -23.37 4.12 -2.71
C LEU A 80 -23.70 4.71 -4.08
N LEU A 81 -23.70 6.04 -4.15
CA LEU A 81 -23.87 6.71 -5.44
C LEU A 81 -22.58 6.72 -6.26
N ARG A 82 -21.45 6.57 -5.59
CA ARG A 82 -20.14 6.56 -6.24
C ARG A 82 -19.28 5.46 -5.62
N PRO A 83 -19.52 4.21 -6.03
CA PRO A 83 -18.79 3.07 -5.46
C PRO A 83 -17.33 3.04 -5.89
N ASP A 84 -16.98 3.87 -6.88
CA ASP A 84 -15.60 3.95 -7.33
C ASP A 84 -14.92 5.23 -6.83
N TRP A 85 -15.20 5.62 -5.60
CA TRP A 85 -14.66 6.87 -5.07
C TRP A 85 -13.14 6.81 -4.93
N LEU A 86 -12.60 5.61 -4.76
CA LEU A 86 -11.16 5.43 -4.60
C LEU A 86 -10.44 5.47 -5.94
N GLN A 87 -11.20 5.45 -7.03
CA GLN A 87 -10.62 5.24 -8.36
C GLN A 87 -10.37 6.51 -9.17
N GLY A 88 -11.03 7.61 -8.82
CA GLY A 88 -10.89 8.84 -9.57
C GLY A 88 -9.46 9.35 -9.55
N PRO A 89 -9.05 10.05 -10.62
CA PRO A 89 -7.69 10.60 -10.68
C PRO A 89 -7.46 11.73 -9.70
N GLU A 90 -8.52 12.18 -9.03
CA GLU A 90 -8.42 13.24 -8.05
C GLU A 90 -7.88 12.74 -6.71
N MET A 91 -7.97 11.43 -6.50
CA MET A 91 -7.51 10.82 -5.24
C MET A 91 -6.00 10.87 -5.11
N VAL A 92 -5.54 11.43 -3.99
CA VAL A 92 -4.13 11.47 -3.69
C VAL A 92 -3.92 11.06 -2.23
N GLY A 93 -3.08 10.05 -2.02
CA GLY A 93 -2.81 9.56 -0.69
C GLY A 93 -1.61 10.21 -0.04
N TYR A 94 -1.50 10.03 1.28
CA TYR A 94 -0.42 10.60 2.06
C TYR A 94 -0.26 9.74 3.30
N VAL A 95 0.85 9.02 3.38
CA VAL A 95 1.11 8.13 4.50
C VAL A 95 2.06 8.79 5.47
N ALA A 96 1.69 8.83 6.76
CA ALA A 96 2.54 9.47 7.76
C ALA A 96 2.29 8.96 9.19
N TYR A 97 3.37 8.90 9.97
CA TYR A 97 3.28 8.63 11.40
C TYR A 97 2.66 9.85 12.06
N VAL A 98 1.76 9.62 13.01
CA VAL A 98 1.04 10.73 13.64
C VAL A 98 1.98 11.64 14.44
N ASP A 99 2.81 11.04 15.28
CA ASP A 99 3.74 11.81 16.10
C ASP A 99 4.86 12.44 15.28
N ARG A 100 5.29 11.73 14.24
CA ARG A 100 6.36 12.23 13.38
C ARG A 100 5.86 13.30 12.41
N PHE A 101 4.55 13.51 12.38
CA PHE A 101 3.95 14.50 11.51
C PHE A 101 3.53 15.74 12.30
N ALA A 102 2.87 15.55 13.44
CA ALA A 102 2.40 16.68 14.22
C ALA A 102 2.21 16.40 15.71
N GLY A 103 2.99 15.48 16.25
CA GLY A 103 2.94 15.16 17.67
C GLY A 103 1.70 14.36 18.07
N THR A 104 0.55 15.01 18.07
CA THR A 104 -0.71 14.34 18.39
C THR A 104 -1.75 14.62 17.32
N LEU A 105 -2.93 14.04 17.47
CA LEU A 105 -4.01 14.20 16.50
C LEU A 105 -4.44 15.66 16.33
N ARG A 106 -4.41 16.41 17.43
CA ARG A 106 -4.82 17.81 17.39
C ARG A 106 -3.91 18.64 16.49
N GLY A 107 -2.61 18.34 16.53
CA GLY A 107 -1.64 19.01 15.67
C GLY A 107 -1.88 18.67 14.22
N VAL A 108 -2.22 17.41 13.96
CA VAL A 108 -2.61 16.96 12.63
C VAL A 108 -3.80 17.79 12.16
N GLY A 109 -4.71 18.07 13.07
CA GLY A 109 -5.83 18.95 12.79
C GLY A 109 -5.37 20.35 12.50
N GLU A 110 -4.25 20.74 13.11
CA GLU A 110 -3.69 22.08 12.92
C GLU A 110 -2.88 22.21 11.63
N ARG A 111 -2.59 21.09 10.98
CA ARG A 111 -1.80 21.11 9.74
C ARG A 111 -2.55 20.58 8.53
N LEU A 112 -3.80 20.98 8.36
CA LEU A 112 -4.64 20.45 7.28
C LEU A 112 -4.62 21.27 5.99
N GLU A 113 -4.40 22.59 6.12
CA GLU A 113 -4.34 23.46 4.94
C GLU A 113 -3.18 23.07 4.05
N TYR A 114 -2.15 22.50 4.64
CA TYR A 114 -1.01 21.99 3.89
C TYR A 114 -1.42 20.78 3.05
N LEU A 115 -2.01 19.79 3.71
CA LEU A 115 -2.47 18.57 3.04
C LEU A 115 -3.45 18.89 1.93
N GLU A 116 -4.35 19.82 2.19
CA GLU A 116 -5.34 20.21 1.19
C GLU A 116 -4.66 20.97 0.06
N GLY A 117 -3.61 21.71 0.41
CA GLY A 117 -2.81 22.42 -0.58
C GLY A 117 -2.15 21.45 -1.55
N LEU A 118 -1.70 20.31 -1.04
CA LEU A 118 -1.15 19.26 -1.88
C LEU A 118 -2.22 18.65 -2.77
N GLY A 119 -3.42 18.47 -2.21
CA GLY A 119 -4.51 17.85 -2.92
C GLY A 119 -4.85 16.50 -2.31
N VAL A 120 -4.32 16.26 -1.11
CA VAL A 120 -4.54 15.01 -0.39
C VAL A 120 -6.01 14.78 -0.07
N THR A 121 -6.48 13.57 -0.35
CA THR A 121 -7.86 13.19 -0.07
C THR A 121 -7.90 11.88 0.71
N TYR A 122 -6.71 11.30 0.91
CA TYR A 122 -6.58 9.96 1.47
C TYR A 122 -5.41 10.00 2.44
N LEU A 123 -5.71 10.05 3.74
CA LEU A 123 -4.68 10.25 4.74
C LEU A 123 -4.47 9.02 5.61
N HIS A 124 -3.37 8.30 5.37
CA HIS A 124 -3.07 7.11 6.14
C HIS A 124 -2.19 7.45 7.35
N LEU A 125 -2.78 7.36 8.55
CA LEU A 125 -2.07 7.68 9.78
C LEU A 125 -1.54 6.44 10.47
N LEU A 126 -0.22 6.26 10.41
CA LEU A 126 0.43 5.09 10.99
C LEU A 126 0.48 5.16 12.52
N PRO A 127 0.36 4.01 13.18
CA PRO A 127 0.45 3.93 14.64
C PRO A 127 1.89 4.14 15.12
N ASP A 156 -13.07 10.30 20.46
CA ASP A 156 -13.12 11.67 20.96
C ASP A 156 -12.21 12.56 20.12
N ASP A 157 -10.90 12.47 20.38
CA ASP A 157 -9.92 13.21 19.60
C ASP A 157 -9.91 12.75 18.15
N LEU A 158 -9.89 11.43 17.99
CA LEU A 158 -9.90 10.82 16.67
C LEU A 158 -11.19 11.14 15.92
N SER A 159 -12.30 11.10 16.65
CA SER A 159 -13.61 11.43 16.09
C SER A 159 -13.59 12.83 15.52
N ALA A 160 -13.08 13.77 16.32
CA ALA A 160 -13.02 15.17 15.93
C ALA A 160 -12.12 15.37 14.71
N LEU A 161 -10.95 14.75 14.75
CA LEU A 161 -10.02 14.83 13.63
C LEU A 161 -10.68 14.33 12.35
N ALA A 162 -11.38 13.21 12.45
CA ALA A 162 -12.13 12.66 11.32
C ALA A 162 -13.15 13.68 10.81
N ARG A 163 -13.86 14.30 11.73
CA ARG A 163 -14.85 15.33 11.36
C ARG A 163 -14.23 16.47 10.56
N GLU A 164 -13.08 16.94 11.01
CA GLU A 164 -12.40 18.03 10.32
C GLU A 164 -11.90 17.59 8.95
N LEU A 165 -11.38 16.36 8.89
CA LEU A 165 -10.91 15.77 7.64
C LEU A 165 -12.01 15.69 6.60
N ARG A 166 -13.15 15.10 6.98
CA ARG A 166 -14.29 15.00 6.08
C ARG A 166 -14.75 16.38 5.68
N GLY A 167 -14.66 17.33 6.61
CA GLY A 167 -14.94 18.72 6.30
C GLY A 167 -14.06 19.21 5.16
N ARG A 168 -12.81 18.76 5.13
CA ARG A 168 -11.89 19.16 4.06
C ARG A 168 -11.79 18.13 2.94
N GLY A 169 -12.74 17.20 2.91
CA GLY A 169 -12.81 16.19 1.86
C GLY A 169 -11.67 15.19 1.88
N ILE A 170 -11.20 14.84 3.08
CA ILE A 170 -10.11 13.90 3.23
C ILE A 170 -10.56 12.67 4.01
N SER A 171 -10.20 11.49 3.50
CA SER A 171 -10.59 10.23 4.14
C SER A 171 -9.54 9.75 5.13
N LEU A 172 -9.98 9.50 6.37
CA LEU A 172 -9.10 8.97 7.40
C LEU A 172 -8.84 7.48 7.19
N VAL A 173 -7.56 7.11 7.14
CA VAL A 173 -7.17 5.72 6.92
C VAL A 173 -6.31 5.21 8.07
N LEU A 174 -6.79 4.18 8.76
CA LEU A 174 -6.08 3.67 9.94
C LEU A 174 -5.67 2.21 9.83
N ASP A 175 -4.61 1.86 10.54
CA ASP A 175 -4.18 0.48 10.67
C ASP A 175 -5.07 -0.28 11.65
N LEU A 176 -5.39 -1.53 11.32
CA LEU A 176 -6.09 -2.40 12.26
C LEU A 176 -5.53 -3.81 12.15
N VAL A 177 -4.85 -4.27 13.21
CA VAL A 177 -4.22 -5.59 13.19
C VAL A 177 -5.24 -6.69 13.42
N LEU A 178 -5.38 -7.58 12.45
CA LEU A 178 -6.41 -8.61 12.52
C LEU A 178 -5.91 -9.92 13.11
N ASN A 179 -4.60 -10.04 13.26
CA ASN A 179 -4.01 -11.34 13.62
C ASN A 179 -3.77 -11.55 15.11
N HIS A 180 -3.42 -10.49 15.82
CA HIS A 180 -2.91 -10.62 17.18
C HIS A 180 -3.16 -9.40 18.07
N VAL A 181 -3.07 -9.61 19.38
CA VAL A 181 -3.13 -8.52 20.35
C VAL A 181 -1.99 -8.63 21.35
N ALA A 182 -1.68 -7.52 22.01
CA ALA A 182 -0.62 -7.51 23.02
C ALA A 182 -1.00 -8.40 24.20
N GLU A 183 0.00 -8.76 25.00
CA GLU A 183 -0.24 -9.62 26.16
C GLU A 183 -0.89 -8.82 27.29
N GLU A 184 -0.77 -7.50 27.20
CA GLU A 184 -1.37 -6.61 28.19
C GLU A 184 -2.81 -6.26 27.83
N HIS A 185 -3.25 -6.71 26.66
CA HIS A 185 -4.62 -6.48 26.19
C HIS A 185 -5.59 -7.23 27.08
N GLU A 186 -6.82 -6.73 27.18
CA GLU A 186 -7.84 -7.28 28.07
C GLU A 186 -8.04 -8.78 27.92
N TRP A 187 -8.10 -9.26 26.68
CA TRP A 187 -8.35 -10.67 26.41
C TRP A 187 -7.25 -11.56 26.98
N ALA A 188 -6.01 -11.13 26.82
CA ALA A 188 -4.85 -11.87 27.30
C ALA A 188 -4.80 -11.90 28.82
N VAL A 189 -5.07 -10.77 29.45
CA VAL A 189 -5.10 -10.67 30.91
C VAL A 189 -6.19 -11.58 31.48
N ARG A 190 -7.38 -11.50 30.89
CA ARG A 190 -8.49 -12.35 31.30
C ARG A 190 -8.14 -13.82 31.08
N ALA A 191 -7.34 -14.10 30.07
CA ALA A 191 -6.92 -15.46 29.77
C ALA A 191 -5.97 -16.00 30.84
N THR A 192 -5.01 -15.16 31.25
CA THR A 192 -4.07 -15.55 32.30
C THR A 192 -4.74 -15.61 33.67
N ALA A 193 -6.00 -15.17 33.73
CA ALA A 193 -6.78 -15.22 34.95
C ALA A 193 -7.44 -16.59 35.11
N GLY A 194 -7.50 -17.34 34.03
CA GLY A 194 -8.02 -18.70 34.06
C GLY A 194 -9.42 -18.87 33.48
N GLU A 195 -9.93 -17.82 32.85
CA GLU A 195 -11.24 -17.88 32.23
C GLU A 195 -11.16 -18.61 30.90
N ALA A 196 -11.78 -19.79 30.82
CA ALA A 196 -11.72 -20.61 29.62
C ALA A 196 -12.34 -19.93 28.41
N ALA A 197 -13.18 -18.94 28.65
CA ALA A 197 -13.81 -18.19 27.57
C ALA A 197 -12.78 -17.30 26.86
N TYR A 198 -11.99 -16.57 27.64
CA TYR A 198 -11.00 -15.66 27.08
C TYR A 198 -9.66 -16.34 26.78
N ARG A 199 -9.57 -17.62 27.09
CA ARG A 199 -8.39 -18.40 26.69
C ARG A 199 -8.62 -18.98 25.30
N ASP A 200 -9.89 -19.15 24.95
CA ASP A 200 -10.26 -19.66 23.64
C ASP A 200 -10.25 -18.56 22.58
N TYR A 201 -9.92 -17.35 23.01
CA TYR A 201 -9.69 -16.25 22.08
C TYR A 201 -8.30 -16.40 21.46
N PHE A 202 -7.51 -17.32 22.00
CA PHE A 202 -6.15 -17.54 21.52
C PHE A 202 -5.91 -19.01 21.19
N HIS A 203 -4.65 -19.37 20.99
CA HIS A 203 -4.28 -20.76 20.76
C HIS A 203 -3.38 -21.25 21.89
N ILE A 204 -3.98 -21.87 22.90
CA ILE A 204 -3.22 -22.38 24.03
C ILE A 204 -3.03 -23.89 23.94
N PHE A 205 -1.94 -24.38 24.53
CA PHE A 205 -1.63 -25.81 24.49
C PHE A 205 -1.01 -26.31 25.79
N PRO A 206 -1.46 -27.50 26.26
CA PRO A 206 -0.92 -28.14 27.45
C PRO A 206 0.52 -28.58 27.23
N ASP A 207 0.71 -29.81 26.78
CA ASP A 207 2.02 -30.28 26.36
C ASP A 207 2.24 -29.85 24.91
N ARG A 208 3.49 -29.71 24.50
CA ARG A 208 3.76 -29.26 23.15
C ARG A 208 3.76 -30.38 22.11
N THR A 209 2.73 -31.23 22.16
CA THR A 209 2.55 -32.26 21.15
C THR A 209 1.90 -31.64 19.92
N GLN A 210 1.20 -30.54 20.12
CA GLN A 210 0.57 -29.81 19.03
C GLN A 210 1.45 -28.69 18.44
N PRO A 211 2.12 -27.89 19.29
CA PRO A 211 3.07 -26.91 18.76
C PRO A 211 4.07 -27.46 17.74
N ASP A 212 4.86 -28.46 18.11
CA ASP A 212 5.83 -29.02 17.16
C ASP A 212 5.18 -29.85 16.06
N ALA A 213 3.85 -30.00 16.12
CA ALA A 213 3.12 -30.62 15.03
C ALA A 213 2.89 -29.60 13.92
N TYR A 214 2.59 -28.37 14.30
CA TYR A 214 2.46 -27.27 13.35
C TYR A 214 3.84 -26.91 12.81
N GLU A 215 4.83 -26.91 13.70
CA GLU A 215 6.19 -26.46 13.38
C GLU A 215 6.85 -27.20 12.22
N ARG A 216 6.30 -28.35 11.85
CA ARG A 216 6.83 -29.11 10.73
C ARG A 216 6.66 -28.35 9.41
N THR A 217 5.46 -27.81 9.19
CA THR A 217 5.15 -27.12 7.95
C THR A 217 5.34 -25.60 8.07
N LEU A 218 5.62 -25.14 9.29
CA LEU A 218 5.87 -23.73 9.53
C LEU A 218 7.26 -23.33 9.08
N PRO A 219 7.35 -22.26 8.28
CA PRO A 219 8.64 -21.75 7.82
C PRO A 219 9.42 -21.09 8.94
N GLU A 220 10.61 -21.61 9.24
CA GLU A 220 11.44 -21.05 10.30
C GLU A 220 12.65 -20.31 9.73
N ILE A 221 13.00 -19.20 10.38
CA ILE A 221 14.10 -18.35 9.93
C ILE A 221 15.43 -19.10 9.91
N PHE A 222 15.57 -20.07 10.83
CA PHE A 222 16.76 -20.90 10.89
C PHE A 222 16.42 -22.34 11.22
N PRO A 223 16.99 -23.29 10.47
CA PRO A 223 16.77 -24.73 10.67
C PRO A 223 17.19 -25.20 12.07
N ASP A 224 18.46 -25.52 12.24
CA ASP A 224 18.95 -26.10 13.49
C ASP A 224 18.91 -25.10 14.65
N PHE A 225 17.70 -24.61 14.95
CA PHE A 225 17.50 -23.70 16.07
C PHE A 225 16.04 -23.71 16.47
N ALA A 226 15.65 -22.79 17.34
CA ALA A 226 14.23 -22.67 17.71
C ALA A 226 13.77 -21.28 18.14
N PRO A 227 13.91 -20.28 17.26
CA PRO A 227 13.20 -19.02 17.55
C PRO A 227 11.83 -19.07 16.90
N GLY A 228 11.05 -20.08 17.25
CA GLY A 228 9.82 -20.40 16.54
C GLY A 228 8.64 -19.47 16.73
N ASN A 229 7.45 -20.05 16.80
CA ASN A 229 6.22 -19.28 16.90
C ASN A 229 5.38 -19.68 18.12
N PHE A 230 6.04 -19.93 19.25
CA PHE A 230 5.32 -20.30 20.46
C PHE A 230 5.96 -19.72 21.72
N THR A 231 5.14 -19.51 22.75
CA THR A 231 5.60 -18.89 23.98
C THR A 231 4.84 -19.46 25.19
N TRP A 232 5.56 -19.73 26.27
CA TRP A 232 4.97 -20.30 27.47
C TRP A 232 4.22 -19.27 28.32
N GLY A 238 -0.11 -22.15 29.42
CA GLY A 238 0.39 -23.20 28.56
C GLY A 238 1.26 -22.67 27.43
N TRP A 239 1.18 -23.32 26.28
CA TRP A 239 1.90 -22.88 25.08
C TRP A 239 1.00 -21.97 24.24
N VAL A 240 1.40 -20.71 24.09
CA VAL A 240 0.58 -19.73 23.35
C VAL A 240 1.20 -19.35 22.01
N TRP A 241 0.39 -19.42 20.95
CA TRP A 241 0.82 -19.10 19.59
C TRP A 241 1.23 -17.64 19.46
N THR A 242 2.50 -17.40 19.14
CA THR A 242 3.02 -16.05 18.96
C THR A 242 3.88 -15.97 17.69
N THR A 243 3.24 -15.65 16.56
CA THR A 243 3.93 -15.66 15.27
C THR A 243 4.98 -14.56 15.14
N PHE A 244 4.77 -13.45 15.83
CA PHE A 244 5.69 -12.32 15.71
C PHE A 244 6.56 -12.14 16.95
N ASN A 245 6.18 -11.21 17.82
CA ASN A 245 6.92 -10.96 19.04
C ASN A 245 6.44 -11.88 20.16
N ARG A 246 7.22 -11.97 21.23
CA ARG A 246 6.88 -12.81 22.38
C ARG A 246 5.62 -12.30 23.08
N SER A 247 5.36 -11.00 22.95
CA SER A 247 4.23 -10.37 23.61
C SER A 247 3.08 -10.10 22.65
N GLN A 248 3.05 -10.82 21.54
CA GLN A 248 1.98 -10.65 20.55
C GLN A 248 1.20 -11.94 20.36
N TRP A 249 0.16 -12.13 21.16
CA TRP A 249 -0.63 -13.35 21.14
C TRP A 249 -1.60 -13.38 19.96
N ASP A 250 -1.56 -14.47 19.20
CA ASP A 250 -2.44 -14.65 18.05
C ASP A 250 -3.86 -14.96 18.48
N VAL A 251 -4.82 -14.37 17.79
CA VAL A 251 -6.22 -14.62 18.10
C VAL A 251 -6.79 -15.80 17.30
N ASN A 252 -7.64 -16.59 17.96
CA ASN A 252 -8.20 -17.79 17.36
C ASN A 252 -9.44 -17.50 16.52
N TRP A 253 -9.26 -17.30 15.22
CA TRP A 253 -10.38 -16.99 14.33
C TRP A 253 -11.32 -18.17 14.10
N GLY A 254 -11.00 -19.32 14.70
CA GLY A 254 -11.87 -20.48 14.64
C GLY A 254 -12.98 -20.35 15.66
N ASN A 255 -12.82 -19.39 16.57
CA ASN A 255 -13.84 -19.07 17.56
C ASN A 255 -14.67 -17.88 17.09
N PRO A 256 -15.98 -18.11 16.89
CA PRO A 256 -16.92 -17.09 16.41
C PRO A 256 -16.91 -15.81 17.24
N ALA A 257 -16.63 -15.94 18.53
CA ALA A 257 -16.60 -14.81 19.45
C ALA A 257 -15.58 -13.75 19.05
N VAL A 258 -14.44 -14.19 18.51
CA VAL A 258 -13.40 -13.27 18.11
C VAL A 258 -13.78 -12.58 16.80
N PHE A 259 -14.55 -13.27 15.96
CA PHE A 259 -15.04 -12.67 14.74
C PHE A 259 -16.00 -11.55 15.11
N ARG A 260 -16.96 -11.88 15.98
CA ARG A 260 -17.91 -10.90 16.48
C ARG A 260 -17.21 -9.69 17.09
N GLU A 261 -16.20 -9.96 17.91
CA GLU A 261 -15.46 -8.91 18.58
C GLU A 261 -14.78 -8.00 17.56
N TYR A 262 -14.15 -8.61 16.57
CA TYR A 262 -13.44 -7.83 15.55
C TYR A 262 -14.37 -7.03 14.64
N LEU A 263 -15.52 -7.60 14.32
CA LEU A 263 -16.53 -6.88 13.56
C LEU A 263 -17.04 -5.68 14.35
N ASP A 264 -17.31 -5.88 15.63
CA ASP A 264 -17.78 -4.80 16.50
C ASP A 264 -16.73 -3.68 16.56
N LEU A 265 -15.47 -4.10 16.62
CA LEU A 265 -14.36 -3.16 16.61
C LEU A 265 -14.33 -2.34 15.32
N ILE A 266 -14.43 -3.04 14.19
CA ILE A 266 -14.45 -2.38 12.88
C ILE A 266 -15.59 -1.37 12.78
N LEU A 267 -16.78 -1.77 13.21
CA LEU A 267 -17.97 -0.92 13.10
C LEU A 267 -17.90 0.31 14.00
N THR A 268 -17.47 0.14 15.24
CA THR A 268 -17.37 1.29 16.12
C THR A 268 -16.28 2.25 15.65
N LEU A 269 -15.18 1.68 15.16
CA LEU A 269 -14.11 2.50 14.57
C LEU A 269 -14.60 3.25 13.34
N ALA A 270 -15.50 2.63 12.58
CA ALA A 270 -16.09 3.25 11.42
C ALA A 270 -17.00 4.40 11.85
N ASN A 271 -17.68 4.20 12.98
CA ASN A 271 -18.55 5.23 13.51
C ASN A 271 -17.78 6.40 14.11
N ARG A 272 -16.52 6.16 14.48
CA ARG A 272 -15.67 7.27 14.93
C ARG A 272 -15.24 8.15 13.75
N GLY A 273 -15.33 7.62 12.54
CA GLY A 273 -14.99 8.40 11.36
C GLY A 273 -13.98 7.76 10.42
N VAL A 274 -13.42 6.62 10.83
CA VAL A 274 -12.47 5.90 10.01
C VAL A 274 -13.11 5.43 8.71
N GLU A 275 -12.54 5.84 7.58
CA GLU A 275 -13.14 5.53 6.28
C GLU A 275 -12.42 4.40 5.54
N VAL A 276 -11.13 4.21 5.81
CA VAL A 276 -10.40 3.10 5.19
C VAL A 276 -9.56 2.34 6.21
N PHE A 277 -9.79 1.02 6.28
CA PHE A 277 -9.10 0.16 7.22
C PHE A 277 -7.99 -0.65 6.56
N ARG A 278 -6.74 -0.33 6.91
CA ARG A 278 -5.62 -1.16 6.48
C ARG A 278 -5.58 -2.40 7.37
N LEU A 279 -5.97 -3.54 6.82
CA LEU A 279 -6.04 -4.77 7.58
C LEU A 279 -4.66 -5.41 7.74
N ASP A 280 -3.97 -5.01 8.80
CA ASP A 280 -2.59 -5.40 9.04
C ASP A 280 -2.49 -6.89 9.41
N ALA A 281 -1.49 -7.56 8.84
CA ALA A 281 -1.21 -8.98 9.11
C ALA A 281 -2.40 -9.88 8.81
N ILE A 282 -3.09 -9.62 7.71
CA ILE A 282 -4.28 -10.36 7.35
C ILE A 282 -3.96 -11.77 6.85
N ALA A 283 -2.71 -12.00 6.47
CA ALA A 283 -2.32 -13.28 5.90
C ALA A 283 -2.24 -14.41 6.92
N PHE A 284 -1.95 -14.05 8.17
CA PHE A 284 -1.67 -15.05 9.21
C PHE A 284 -2.90 -15.43 10.03
N LEU A 285 -4.03 -14.79 9.78
CA LEU A 285 -5.17 -14.91 10.69
C LEU A 285 -5.84 -16.29 10.71
N TRP A 286 -5.57 -17.13 9.72
CA TRP A 286 -6.05 -18.50 9.78
C TRP A 286 -4.94 -19.53 9.84
N LYS A 287 -5.12 -20.52 10.69
CA LYS A 287 -4.08 -21.52 10.94
C LYS A 287 -4.62 -22.94 10.77
N ARG A 288 -3.91 -23.73 9.96
CA ARG A 288 -4.31 -25.11 9.69
C ARG A 288 -3.09 -26.02 9.67
N LEU A 289 -3.17 -27.12 10.40
CA LEU A 289 -2.06 -28.06 10.53
C LEU A 289 -1.66 -28.68 9.20
N GLY A 290 -0.37 -28.61 8.89
CA GLY A 290 0.14 -29.15 7.65
C GLY A 290 0.32 -28.08 6.59
N THR A 291 0.25 -26.82 7.00
CA THR A 291 0.44 -25.69 6.08
C THR A 291 1.38 -24.66 6.66
N ASP A 292 1.68 -23.64 5.86
CA ASP A 292 2.51 -22.52 6.33
C ASP A 292 1.68 -21.56 7.17
N CYS A 293 0.39 -21.88 7.32
CA CYS A 293 -0.54 -21.06 8.09
C CYS A 293 -0.58 -19.63 7.59
N GLN A 294 -0.40 -19.47 6.28
CA GLN A 294 -0.50 -18.17 5.63
C GLN A 294 -1.37 -18.31 4.38
N ASN A 295 -2.04 -17.21 4.02
CA ASN A 295 -2.81 -17.14 2.78
C ASN A 295 -3.84 -18.24 2.60
N GLN A 296 -4.35 -18.77 3.71
CA GLN A 296 -5.37 -19.82 3.66
C GLN A 296 -6.70 -19.28 3.16
N PRO A 297 -7.50 -20.10 2.45
CA PRO A 297 -8.78 -19.66 1.89
C PRO A 297 -9.77 -19.15 2.95
N GLU A 298 -9.69 -19.71 4.15
CA GLU A 298 -10.53 -19.27 5.25
C GLU A 298 -10.33 -17.78 5.52
N VAL A 299 -9.12 -17.28 5.26
CA VAL A 299 -8.81 -15.87 5.42
C VAL A 299 -9.70 -15.02 4.53
N HIS A 300 -9.82 -15.42 3.27
CA HIS A 300 -10.61 -14.66 2.31
C HIS A 300 -12.11 -14.84 2.55
N ARG A 301 -12.52 -15.99 3.07
CA ARG A 301 -13.93 -16.16 3.44
C ARG A 301 -14.32 -15.26 4.62
N LEU A 302 -13.45 -15.20 5.63
CA LEU A 302 -13.66 -14.34 6.79
C LEU A 302 -13.63 -12.86 6.40
N THR A 303 -12.69 -12.51 5.52
CA THR A 303 -12.60 -11.13 5.02
C THR A 303 -13.85 -10.78 4.24
N HIS A 304 -14.34 -11.72 3.44
CA HIS A 304 -15.57 -11.49 2.69
C HIS A 304 -16.71 -11.22 3.66
N ALA A 305 -16.80 -12.03 4.72
CA ALA A 305 -17.85 -11.85 5.72
C ALA A 305 -17.80 -10.46 6.37
N LEU A 306 -16.64 -10.13 6.96
CA LEU A 306 -16.41 -8.81 7.54
C LEU A 306 -16.83 -7.71 6.56
N ARG A 307 -16.38 -7.85 5.32
CA ARG A 307 -16.64 -6.86 4.28
C ARG A 307 -18.12 -6.69 4.01
N ALA A 308 -18.85 -7.79 3.88
CA ALA A 308 -20.28 -7.73 3.61
C ALA A 308 -21.01 -7.04 4.74
N ALA A 309 -20.72 -7.47 5.97
CA ALA A 309 -21.30 -6.85 7.16
C ALA A 309 -21.08 -5.34 7.15
N THR A 310 -19.84 -4.94 6.88
CA THR A 310 -19.50 -3.52 6.83
C THR A 310 -20.22 -2.81 5.69
N ARG A 311 -20.45 -3.52 4.59
CA ARG A 311 -21.15 -2.95 3.45
C ARG A 311 -22.63 -2.76 3.76
N ILE A 312 -23.11 -3.48 4.79
CA ILE A 312 -24.47 -3.27 5.26
C ILE A 312 -24.55 -2.09 6.22
N VAL A 313 -23.72 -2.12 7.26
CA VAL A 313 -23.75 -1.04 8.25
C VAL A 313 -23.18 0.27 7.70
N ALA A 314 -21.97 0.22 7.15
CA ALA A 314 -21.28 1.42 6.69
C ALA A 314 -20.76 1.35 5.25
N PRO A 315 -21.63 1.65 4.27
CA PRO A 315 -21.27 1.64 2.85
C PRO A 315 -20.10 2.57 2.49
N ALA A 316 -19.83 3.56 3.34
CA ALA A 316 -18.80 4.56 3.02
C ALA A 316 -17.38 4.05 3.22
N VAL A 317 -17.20 3.00 4.02
CA VAL A 317 -15.85 2.57 4.33
C VAL A 317 -15.31 1.51 3.37
N ALA A 318 -13.99 1.37 3.35
CA ALA A 318 -13.31 0.43 2.45
C ALA A 318 -12.15 -0.27 3.16
N PHE A 319 -11.80 -1.45 2.68
CA PHE A 319 -10.69 -2.21 3.25
C PHE A 319 -9.46 -2.15 2.34
N LYS A 320 -8.29 -2.05 2.95
CA LYS A 320 -7.03 -2.16 2.24
C LYS A 320 -6.22 -3.28 2.87
N ALA A 321 -6.12 -4.41 2.19
CA ALA A 321 -5.42 -5.57 2.72
C ALA A 321 -3.91 -5.34 2.74
N GLU A 322 -3.32 -5.42 3.94
CA GLU A 322 -1.87 -5.37 4.06
C GLU A 322 -1.32 -6.78 3.95
N ALA A 323 -0.87 -7.14 2.76
CA ALA A 323 -0.29 -8.45 2.54
C ALA A 323 0.82 -8.34 1.54
N ILE A 324 2.05 -8.47 2.00
CA ILE A 324 3.20 -8.41 1.11
C ILE A 324 3.60 -9.83 0.71
N VAL A 325 2.88 -10.40 -0.24
CA VAL A 325 3.15 -11.74 -0.74
C VAL A 325 3.28 -11.71 -2.26
N ALA A 326 3.56 -12.87 -2.85
CA ALA A 326 3.69 -12.99 -4.30
C ALA A 326 2.36 -12.62 -4.98
N PRO A 327 2.44 -12.13 -6.23
CA PRO A 327 1.27 -11.76 -7.02
C PRO A 327 0.21 -12.87 -7.12
N GLY A 328 0.64 -14.11 -7.34
CA GLY A 328 -0.28 -15.23 -7.39
C GLY A 328 -1.06 -15.39 -6.11
N ASP A 329 -0.42 -15.07 -4.99
CA ASP A 329 -1.08 -15.13 -3.68
C ASP A 329 -1.81 -13.82 -3.38
N LEU A 330 -1.23 -12.72 -3.82
CA LEU A 330 -1.78 -11.39 -3.55
C LEU A 330 -3.12 -11.16 -4.23
N ILE A 331 -3.27 -11.65 -5.46
CA ILE A 331 -4.48 -11.40 -6.25
C ILE A 331 -5.73 -11.93 -5.56
N HIS A 332 -5.57 -12.94 -4.71
CA HIS A 332 -6.71 -13.51 -4.00
C HIS A 332 -7.25 -12.55 -2.94
N TYR A 333 -6.41 -11.60 -2.53
CA TYR A 333 -6.80 -10.64 -1.51
C TYR A 333 -7.75 -9.59 -2.07
N LEU A 334 -7.78 -9.46 -3.39
CA LEU A 334 -8.77 -8.64 -4.05
C LEU A 334 -9.95 -9.51 -4.48
N GLY A 335 -9.87 -10.80 -4.16
CA GLY A 335 -10.98 -11.71 -4.34
C GLY A 335 -10.95 -12.54 -5.61
N SER A 336 -10.89 -13.86 -5.44
CA SER A 336 -11.02 -14.80 -6.56
C SER A 336 -12.37 -15.50 -6.47
N ARG A 337 -12.73 -16.20 -7.54
CA ARG A 337 -13.96 -17.01 -7.56
C ARG A 337 -15.18 -16.22 -7.09
N ASP A 338 -15.88 -16.77 -6.09
CA ASP A 338 -17.07 -16.13 -5.57
C ASP A 338 -16.75 -14.89 -4.73
N HIS A 339 -15.47 -14.71 -4.38
CA HIS A 339 -15.05 -13.55 -3.61
C HIS A 339 -14.68 -12.39 -4.52
N HIS A 340 -14.95 -12.53 -5.82
CA HIS A 340 -14.42 -11.59 -6.83
C HIS A 340 -14.86 -10.15 -6.63
N GLY A 341 -13.96 -9.33 -6.10
CA GLY A 341 -14.22 -7.92 -5.88
C GLY A 341 -15.14 -7.72 -4.69
N ARG A 342 -15.34 -8.79 -3.93
CA ARG A 342 -16.25 -8.74 -2.79
C ARG A 342 -15.51 -8.83 -1.46
N VAL A 343 -14.21 -8.57 -1.47
CA VAL A 343 -13.43 -8.55 -0.24
C VAL A 343 -12.81 -7.17 -0.04
N SER A 344 -11.52 -7.12 0.27
CA SER A 344 -10.82 -5.84 0.42
C SER A 344 -10.93 -5.03 -0.87
N ASP A 345 -11.00 -3.71 -0.72
CA ASP A 345 -11.08 -2.81 -1.86
C ASP A 345 -9.71 -2.58 -2.48
N MET A 346 -8.70 -2.47 -1.62
CA MET A 346 -7.36 -2.14 -2.08
C MET A 346 -6.35 -3.17 -1.64
N ALA A 347 -5.17 -3.12 -2.26
CA ALA A 347 -4.04 -3.95 -1.92
C ALA A 347 -2.82 -3.22 -2.39
N TYR A 348 -1.67 -3.45 -1.77
CA TYR A 348 -0.45 -2.74 -2.16
C TYR A 348 0.19 -3.33 -3.41
N HIS A 349 0.65 -2.47 -4.31
CA HIS A 349 1.36 -2.93 -5.50
C HIS A 349 2.86 -2.87 -5.26
N ASN A 350 3.34 -3.80 -4.45
CA ASN A 350 4.75 -3.85 -4.05
C ASN A 350 5.68 -4.11 -5.24
N SER A 351 5.20 -4.92 -6.17
CA SER A 351 5.97 -5.30 -7.34
C SER A 351 6.37 -4.08 -8.15
N LEU A 352 5.42 -3.19 -8.40
CA LEU A 352 5.67 -1.96 -9.14
C LEU A 352 6.77 -1.12 -8.48
N MET A 353 6.79 -1.12 -7.15
CA MET A 353 7.78 -0.35 -6.40
C MET A 353 9.18 -0.95 -6.53
N VAL A 354 9.31 -2.24 -6.25
CA VAL A 354 10.62 -2.88 -6.37
C VAL A 354 11.12 -2.81 -7.81
N GLN A 355 10.19 -2.83 -8.76
CA GLN A 355 10.57 -2.78 -10.16
C GLN A 355 10.95 -1.36 -10.57
N LEU A 356 10.35 -0.38 -9.91
CA LEU A 356 10.69 1.02 -10.15
C LEU A 356 12.13 1.26 -9.72
N TRP A 357 12.45 0.87 -8.49
CA TRP A 357 13.83 1.06 -8.04
C TRP A 357 14.82 0.19 -8.81
N SER A 358 14.39 -1.04 -9.15
CA SER A 358 15.21 -1.95 -9.95
C SER A 358 15.59 -1.33 -11.29
N SER A 359 14.58 -0.93 -12.05
CA SER A 359 14.79 -0.36 -13.38
C SER A 359 15.56 0.95 -13.31
N LEU A 360 15.27 1.77 -12.29
CA LEU A 360 16.03 3.00 -12.10
C LEU A 360 17.51 2.70 -11.89
N ALA A 361 17.79 1.60 -11.20
CA ALA A 361 19.17 1.22 -10.89
C ALA A 361 19.90 0.58 -12.07
N SER A 362 19.19 -0.18 -12.88
CA SER A 362 19.81 -0.92 -13.99
C SER A 362 19.67 -0.22 -15.34
N ARG A 363 18.87 0.85 -15.40
CA ARG A 363 18.58 1.55 -16.64
C ARG A 363 18.01 0.64 -17.72
N ASP A 364 17.34 -0.42 -17.29
CA ASP A 364 16.75 -1.40 -18.20
C ASP A 364 15.35 -1.75 -17.71
N THR A 365 14.37 -1.67 -18.61
CA THR A 365 12.97 -1.82 -18.24
C THR A 365 12.37 -3.14 -18.73
N ARG A 366 13.21 -4.08 -19.12
CA ARG A 366 12.74 -5.37 -19.62
C ARG A 366 12.14 -6.20 -18.49
N LEU A 367 12.81 -6.19 -17.34
CA LEU A 367 12.34 -6.93 -16.17
C LEU A 367 11.05 -6.35 -15.62
N LEU A 368 10.92 -5.04 -15.68
CA LEU A 368 9.73 -4.36 -15.17
C LEU A 368 8.50 -4.74 -16.00
N THR A 369 8.65 -4.67 -17.33
CA THR A 369 7.57 -5.04 -18.22
C THR A 369 7.26 -6.53 -18.10
N ALA A 370 8.31 -7.33 -17.91
CA ALA A 370 8.13 -8.77 -17.70
C ALA A 370 7.28 -9.05 -16.47
N ALA A 371 7.68 -8.47 -15.34
CA ALA A 371 6.99 -8.68 -14.07
C ALA A 371 5.56 -8.14 -14.10
N LEU A 372 5.36 -7.04 -14.82
CA LEU A 372 4.02 -6.48 -14.96
C LEU A 372 3.13 -7.37 -15.81
N ALA A 373 3.68 -7.94 -16.87
CA ALA A 373 2.90 -8.78 -17.78
C ALA A 373 2.42 -10.06 -17.10
N ALA A 374 3.23 -10.60 -16.20
CA ALA A 374 2.89 -11.83 -15.49
C ALA A 374 2.07 -11.52 -14.25
N PHE A 375 1.64 -10.27 -14.12
CA PHE A 375 0.83 -9.86 -12.98
C PHE A 375 -0.64 -10.01 -13.34
N PRO A 376 -1.39 -10.69 -12.48
CA PRO A 376 -2.82 -10.96 -12.73
C PRO A 376 -3.64 -9.68 -12.73
N PRO A 377 -4.67 -9.62 -13.58
CA PRO A 377 -5.59 -8.48 -13.61
C PRO A 377 -6.46 -8.44 -12.36
N LYS A 378 -6.65 -7.25 -11.80
CA LYS A 378 -7.49 -7.08 -10.62
C LYS A 378 -8.95 -6.92 -11.02
N PRO A 379 -9.87 -7.26 -10.10
CA PRO A 379 -11.29 -6.92 -10.32
C PRO A 379 -11.40 -5.42 -10.56
N THR A 380 -12.23 -5.00 -11.51
CA THR A 380 -12.25 -3.61 -11.93
C THR A 380 -12.78 -2.64 -10.87
N ASN A 381 -13.39 -3.16 -9.81
CA ASN A 381 -13.91 -2.30 -8.75
C ASN A 381 -12.91 -2.13 -7.60
N THR A 382 -11.78 -2.81 -7.70
CA THR A 382 -10.73 -2.71 -6.69
C THR A 382 -9.62 -1.77 -7.17
N THR A 383 -8.84 -1.25 -6.22
CA THR A 383 -7.88 -0.21 -6.53
C THR A 383 -6.52 -0.49 -5.91
N TRP A 384 -5.47 -0.51 -6.72
CA TRP A 384 -4.13 -0.69 -6.19
C TRP A 384 -3.72 0.53 -5.36
N GLY A 385 -3.02 0.29 -4.26
CA GLY A 385 -2.33 1.34 -3.57
C GLY A 385 -0.91 1.33 -4.12
N VAL A 386 -0.54 2.40 -4.82
CA VAL A 386 0.78 2.46 -5.46
C VAL A 386 1.70 3.43 -4.70
N TYR A 387 2.99 3.14 -4.68
CA TYR A 387 3.93 3.93 -3.89
C TYR A 387 5.38 3.82 -4.35
N VAL A 388 6.19 4.79 -3.95
CA VAL A 388 7.61 4.79 -4.29
C VAL A 388 8.42 4.44 -3.04
N ARG A 389 8.02 5.00 -1.91
CA ARG A 389 8.57 4.61 -0.62
C ARG A 389 7.46 4.57 0.43
N CYS A 390 7.80 4.09 1.62
CA CYS A 390 6.87 4.06 2.74
C CYS A 390 7.66 4.03 4.04
N HIS A 391 7.00 3.63 5.13
CA HIS A 391 7.67 3.58 6.43
C HIS A 391 8.60 2.39 6.52
N ASP A 392 8.24 1.30 5.85
CA ASP A 392 9.03 0.07 5.89
C ASP A 392 10.30 0.18 5.07
N ASP A 393 11.13 -0.86 5.17
CA ASP A 393 12.33 -0.98 4.37
C ASP A 393 11.95 -1.47 2.98
N ILE A 394 12.95 -1.82 2.18
CA ILE A 394 12.68 -2.35 0.86
C ILE A 394 13.19 -3.79 0.74
N GLY A 395 12.28 -4.71 0.44
CA GLY A 395 12.65 -6.08 0.17
C GLY A 395 12.60 -6.32 -1.33
N TRP A 396 13.72 -6.73 -1.90
CA TRP A 396 13.80 -6.90 -3.35
C TRP A 396 12.98 -8.08 -3.84
N ALA A 397 11.67 -7.91 -3.87
CA ALA A 397 10.75 -8.94 -4.32
C ALA A 397 10.84 -9.15 -5.84
N ILE A 398 11.78 -9.99 -6.26
CA ILE A 398 11.94 -10.30 -7.67
C ILE A 398 11.78 -11.80 -7.90
N ALA A 399 10.93 -12.17 -8.85
CA ALA A 399 10.72 -13.58 -9.17
C ALA A 399 11.84 -14.11 -10.05
N ASP A 400 12.32 -15.31 -9.75
CA ASP A 400 13.36 -15.95 -10.54
C ASP A 400 12.89 -16.17 -11.98
N GLU A 401 11.59 -16.41 -12.14
CA GLU A 401 11.00 -16.60 -13.46
C GLU A 401 10.98 -15.30 -14.24
N ASP A 402 10.64 -14.21 -13.55
CA ASP A 402 10.61 -12.87 -14.16
C ASP A 402 11.98 -12.54 -14.71
N ALA A 403 13.01 -12.80 -13.92
CA ALA A 403 14.38 -12.56 -14.33
C ALA A 403 14.76 -13.50 -15.48
N ALA A 404 14.30 -14.75 -15.39
CA ALA A 404 14.63 -15.75 -16.40
C ALA A 404 14.07 -15.38 -17.77
N ARG A 405 12.90 -14.77 -17.80
CA ARG A 405 12.27 -14.41 -19.06
C ARG A 405 13.04 -13.32 -19.82
N VAL A 406 13.75 -12.47 -19.08
CA VAL A 406 14.52 -11.40 -19.71
C VAL A 406 16.01 -11.73 -19.73
N GLY A 407 16.34 -13.01 -19.55
CA GLY A 407 17.71 -13.48 -19.65
C GLY A 407 18.58 -13.09 -18.47
N LEU A 408 17.96 -12.97 -17.30
CA LEU A 408 18.68 -12.64 -16.08
C LEU A 408 18.60 -13.80 -15.09
N SER A 409 19.20 -13.62 -13.92
CA SER A 409 19.28 -14.68 -12.92
C SER A 409 18.20 -14.56 -11.86
N GLY A 410 18.35 -13.58 -10.99
CA GLY A 410 17.44 -13.42 -9.86
C GLY A 410 18.18 -13.13 -8.58
N PRO A 411 18.87 -14.14 -8.02
CA PRO A 411 19.66 -13.95 -6.81
C PRO A 411 20.80 -12.97 -7.04
N ALA A 412 21.37 -12.99 -8.24
CA ALA A 412 22.46 -12.08 -8.58
C ALA A 412 21.93 -10.69 -8.89
N HIS A 413 20.67 -10.62 -9.31
CA HIS A 413 20.05 -9.32 -9.53
C HIS A 413 19.60 -8.71 -8.21
N ARG A 414 19.22 -9.56 -7.27
CA ARG A 414 18.92 -9.10 -5.91
C ARG A 414 20.22 -8.62 -5.25
N HIS A 415 21.29 -9.35 -5.48
CA HIS A 415 22.62 -8.95 -5.03
C HIS A 415 22.99 -7.61 -5.66
N PHE A 416 22.66 -7.46 -6.94
CA PHE A 416 22.89 -6.21 -7.67
C PHE A 416 22.16 -5.06 -6.98
N LEU A 417 20.85 -5.22 -6.78
CA LEU A 417 20.03 -4.17 -6.18
C LEU A 417 20.53 -3.78 -4.79
N SER A 418 20.87 -4.78 -3.98
CA SER A 418 21.38 -4.51 -2.64
C SER A 418 22.71 -3.76 -2.69
N ASP A 419 23.64 -4.25 -3.50
CA ASP A 419 24.95 -3.63 -3.65
C ASP A 419 24.82 -2.19 -4.11
N PHE A 420 23.88 -1.95 -5.01
CA PHE A 420 23.68 -0.62 -5.57
C PHE A 420 23.10 0.32 -4.53
N TYR A 421 21.98 -0.07 -3.94
CA TYR A 421 21.28 0.82 -3.01
C TYR A 421 21.87 0.86 -1.60
N SER A 422 22.96 0.14 -1.40
CA SER A 422 23.74 0.27 -0.16
C SER A 422 24.94 1.19 -0.38
N GLY A 423 25.35 1.33 -1.63
CA GLY A 423 26.40 2.26 -2.02
C GLY A 423 27.72 1.61 -2.37
N GLU A 424 27.70 0.30 -2.62
CA GLU A 424 28.93 -0.45 -2.88
C GLU A 424 29.19 -0.68 -4.36
N PHE A 425 28.36 -0.11 -5.21
CA PHE A 425 28.50 -0.34 -6.64
C PHE A 425 29.19 0.83 -7.35
N PRO A 426 30.13 0.51 -8.25
CA PRO A 426 30.86 1.55 -8.98
C PRO A 426 29.93 2.31 -9.93
N GLY A 427 29.75 3.60 -9.64
CA GLY A 427 28.83 4.43 -10.39
C GLY A 427 27.43 4.44 -9.79
N SER A 428 27.34 4.18 -8.49
CA SER A 428 26.05 4.19 -7.79
C SER A 428 25.82 5.55 -7.15
N PHE A 429 24.61 6.07 -7.31
CA PHE A 429 24.25 7.36 -6.73
C PHE A 429 23.52 7.17 -5.41
N ALA A 430 23.22 5.92 -5.08
CA ALA A 430 22.39 5.60 -3.94
C ALA A 430 23.10 5.81 -2.60
N ARG A 431 22.39 6.42 -1.66
CA ARG A 431 22.89 6.60 -0.31
C ARG A 431 21.91 5.96 0.68
N GLY A 432 21.75 4.65 0.58
CA GLY A 432 20.89 3.92 1.48
C GLY A 432 21.70 3.14 2.51
N LEU A 433 21.01 2.52 3.46
CA LEU A 433 21.65 1.71 4.48
C LEU A 433 21.18 0.27 4.39
N VAL A 434 21.87 -0.63 5.09
CA VAL A 434 21.40 -2.01 5.18
C VAL A 434 20.61 -2.19 6.47
N PHE A 435 19.36 -2.62 6.34
CA PHE A 435 18.52 -2.83 7.51
C PHE A 435 18.80 -4.19 8.14
N GLN A 436 18.52 -5.25 7.38
CA GLN A 436 18.77 -6.59 7.86
C GLN A 436 19.41 -7.47 6.80
N HIS A 437 20.30 -8.35 7.26
CA HIS A 437 20.90 -9.36 6.40
C HIS A 437 20.10 -10.64 6.55
N HIS A 438 19.53 -11.11 5.46
CA HIS A 438 18.70 -12.32 5.51
C HIS A 438 19.55 -13.58 5.68
N PRO A 439 19.30 -14.29 6.80
CA PRO A 439 20.06 -15.39 7.40
C PRO A 439 20.77 -16.36 6.44
N GLN A 440 20.03 -16.98 5.53
CA GLN A 440 20.64 -17.99 4.66
C GLN A 440 20.55 -17.65 3.17
N THR A 441 19.52 -16.90 2.77
CA THR A 441 19.39 -16.46 1.40
C THR A 441 20.41 -15.37 1.08
N GLY A 442 20.79 -14.60 2.09
CA GLY A 442 21.79 -13.57 1.95
C GLY A 442 21.25 -12.23 1.50
N ASP A 443 19.94 -12.17 1.28
CA ASP A 443 19.29 -10.94 0.83
C ASP A 443 19.46 -9.82 1.84
N ARG A 444 19.36 -8.58 1.38
CA ARG A 444 19.48 -7.44 2.25
C ARG A 444 18.35 -6.43 2.06
N ARG A 445 17.64 -6.14 3.13
CA ARG A 445 16.66 -5.05 3.13
C ARG A 445 17.43 -3.73 3.16
N ILE A 446 16.85 -2.71 2.54
CA ILE A 446 17.53 -1.41 2.44
C ILE A 446 16.70 -0.27 3.02
N SER A 447 17.28 0.45 3.97
CA SER A 447 16.65 1.64 4.54
C SER A 447 17.16 2.90 3.84
N GLY A 448 16.30 3.90 3.73
CA GLY A 448 16.67 5.14 3.09
C GLY A 448 15.50 5.91 2.52
N THR A 449 15.59 7.24 2.54
CA THR A 449 14.54 8.08 1.96
C THR A 449 14.58 7.97 0.44
N ALA A 450 13.49 8.38 -0.21
CA ALA A 450 13.42 8.36 -1.66
C ALA A 450 14.54 9.20 -2.26
N ALA A 451 14.75 10.37 -1.68
CA ALA A 451 15.78 11.29 -2.15
C ALA A 451 17.19 10.73 -2.04
N SER A 452 17.52 10.14 -0.89
CA SER A 452 18.86 9.57 -0.70
C SER A 452 19.13 8.38 -1.61
N LEU A 453 18.10 7.58 -1.83
CA LEU A 453 18.22 6.41 -2.71
C LEU A 453 18.36 6.83 -4.16
N ALA A 454 17.69 7.92 -4.53
CA ALA A 454 17.70 8.38 -5.93
C ALA A 454 18.95 9.20 -6.29
N GLY A 455 19.74 9.55 -5.29
CA GLY A 455 21.04 10.16 -5.54
C GLY A 455 21.23 11.61 -5.15
N LEU A 456 20.23 12.21 -4.51
CA LEU A 456 20.32 13.61 -4.11
C LEU A 456 21.26 13.80 -2.92
N ASP A 457 21.23 12.84 -2.00
CA ASP A 457 22.07 12.88 -0.80
C ASP A 457 23.54 12.99 -1.19
N LEU A 458 23.95 12.15 -2.14
CA LEU A 458 25.32 12.15 -2.63
C LEU A 458 25.56 13.42 -3.44
N ALA A 459 24.55 13.86 -4.17
CA ALA A 459 24.65 15.03 -5.02
C ALA A 459 24.94 16.31 -4.24
N LEU A 460 24.37 16.43 -3.05
CA LEU A 460 24.51 17.66 -2.27
C LEU A 460 25.89 17.82 -1.63
N GLU A 461 26.40 16.77 -1.00
CA GLU A 461 27.71 16.85 -0.37
C GLU A 461 28.82 17.10 -1.38
N THR A 462 28.59 16.66 -2.62
CA THR A 462 29.51 16.96 -3.71
C THR A 462 28.83 17.96 -4.64
N GLY A 463 28.91 19.24 -4.30
CA GLY A 463 28.17 20.30 -4.97
C GLY A 463 28.20 20.32 -6.49
N ASP A 464 27.80 19.21 -7.10
CA ASP A 464 27.74 19.10 -8.55
C ASP A 464 26.29 19.29 -8.98
N ALA A 465 26.01 20.42 -9.62
CA ALA A 465 24.65 20.77 -10.02
C ALA A 465 24.04 19.76 -10.99
N GLU A 466 24.90 19.12 -11.79
CA GLU A 466 24.46 18.11 -12.74
C GLU A 466 23.87 16.89 -12.00
N ARG A 467 24.56 16.46 -10.95
CA ARG A 467 24.12 15.32 -10.17
C ARG A 467 22.80 15.63 -9.47
N VAL A 468 22.66 16.87 -9.01
CA VAL A 468 21.44 17.34 -8.37
C VAL A 468 20.26 17.34 -9.34
N ASN A 469 20.47 17.94 -10.52
CA ASN A 469 19.47 17.95 -11.57
C ASN A 469 19.02 16.54 -11.93
N ASP A 470 19.99 15.66 -12.13
CA ASP A 470 19.70 14.26 -12.42
C ASP A 470 18.88 13.60 -11.31
N ALA A 471 19.26 13.86 -10.06
CA ALA A 471 18.57 13.26 -8.91
C ALA A 471 17.11 13.71 -8.83
N LEU A 472 16.89 15.01 -8.98
CA LEU A 472 15.53 15.54 -8.97
C LEU A 472 14.72 14.98 -10.13
N ALA A 473 15.34 14.87 -11.30
CA ALA A 473 14.68 14.29 -12.46
C ALA A 473 14.29 12.82 -12.23
N ARG A 474 15.14 12.10 -11.50
CA ARG A 474 14.89 10.70 -11.15
C ARG A 474 13.69 10.59 -10.22
N LEU A 475 13.68 11.43 -9.19
CA LEU A 475 12.61 11.40 -8.21
C LEU A 475 11.27 11.77 -8.86
N LEU A 476 11.29 12.84 -9.65
CA LEU A 476 10.09 13.25 -10.37
C LEU A 476 9.64 12.18 -11.36
N LEU A 477 10.61 11.45 -11.92
CA LEU A 477 10.29 10.32 -12.79
C LEU A 477 9.50 9.26 -12.05
N LEU A 478 10.07 8.77 -10.94
CA LEU A 478 9.39 7.76 -10.12
C LEU A 478 7.99 8.20 -9.71
N HIS A 479 7.89 9.42 -9.19
CA HIS A 479 6.59 9.95 -8.78
C HIS A 479 5.63 10.11 -9.96
N ALA A 480 6.18 10.32 -11.16
CA ALA A 480 5.37 10.46 -12.35
C ALA A 480 4.81 9.11 -12.77
N VAL A 481 5.62 8.07 -12.65
CA VAL A 481 5.15 6.72 -12.95
C VAL A 481 4.06 6.32 -11.95
N MET A 482 4.28 6.60 -10.68
CA MET A 482 3.28 6.28 -9.66
C MET A 482 1.97 7.03 -9.87
N LEU A 483 2.05 8.34 -10.12
CA LEU A 483 0.86 9.18 -10.25
C LEU A 483 0.05 8.86 -11.50
N GLY A 484 0.69 8.20 -12.47
CA GLY A 484 0.01 7.88 -13.71
C GLY A 484 -0.15 6.39 -13.96
N PHE A 485 -0.07 5.59 -12.91
CA PHE A 485 -0.17 4.14 -13.06
C PHE A 485 -1.62 3.67 -12.97
N GLY A 486 -2.34 4.18 -11.98
CA GLY A 486 -3.71 3.75 -11.77
C GLY A 486 -3.89 3.24 -10.36
N GLY A 487 -4.54 4.03 -9.53
CA GLY A 487 -4.69 3.70 -8.13
C GLY A 487 -4.24 4.87 -7.29
N VAL A 488 -4.71 4.92 -6.05
CA VAL A 488 -4.37 6.04 -5.18
C VAL A 488 -2.88 6.03 -4.84
N PRO A 489 -2.17 7.09 -5.25
CA PRO A 489 -0.74 7.18 -5.02
C PRO A 489 -0.48 7.49 -3.56
N LEU A 490 0.43 6.75 -2.93
CA LEU A 490 0.66 6.91 -1.50
C LEU A 490 1.94 7.68 -1.22
N LEU A 491 1.86 9.00 -1.31
CA LEU A 491 3.00 9.87 -1.02
C LEU A 491 3.48 9.65 0.41
N TYR A 492 4.71 9.19 0.56
CA TYR A 492 5.29 9.06 1.88
C TYR A 492 5.73 10.43 2.38
N MET A 493 5.39 10.76 3.62
CA MET A 493 5.62 12.09 4.19
C MET A 493 7.06 12.55 4.02
N GLY A 494 7.22 13.71 3.40
CA GLY A 494 8.54 14.31 3.25
C GLY A 494 9.10 14.21 1.85
N ASP A 495 8.63 13.23 1.09
CA ASP A 495 9.13 13.01 -0.27
C ASP A 495 8.82 14.18 -1.19
N GLU A 496 7.79 14.95 -0.88
CA GLU A 496 7.45 16.13 -1.66
C GLU A 496 8.45 17.25 -1.41
N LEU A 497 9.29 17.07 -0.40
CA LEU A 497 10.34 18.04 -0.08
C LEU A 497 11.71 17.45 -0.39
N ALA A 498 11.71 16.24 -0.96
CA ALA A 498 12.93 15.50 -1.24
C ALA A 498 13.81 15.36 0.00
N LEU A 499 13.21 14.91 1.10
CA LEU A 499 13.89 14.76 2.37
C LEU A 499 15.03 13.76 2.30
N LEU A 500 16.16 14.12 2.91
CA LEU A 500 17.33 13.25 2.94
C LEU A 500 17.33 12.38 4.18
N ASN A 501 18.23 11.41 4.22
CA ASN A 501 18.35 10.50 5.36
C ASN A 501 18.56 11.21 6.69
N ASP A 502 17.80 10.80 7.71
CA ASP A 502 17.96 11.34 9.05
C ASP A 502 18.98 10.49 9.81
N THR A 503 20.25 10.73 9.55
CA THR A 503 21.33 9.92 10.14
C THR A 503 21.52 10.18 11.64
N ASP A 504 20.88 11.21 12.16
CA ASP A 504 20.90 11.48 13.59
C ASP A 504 19.76 10.74 14.29
N PHE A 505 19.20 9.74 13.62
CA PHE A 505 18.10 8.94 14.16
C PHE A 505 18.54 8.22 15.42
N ALA A 506 19.83 7.91 15.51
CA ALA A 506 20.38 7.23 16.65
C ALA A 506 20.37 8.11 17.90
N ALA A 507 20.10 9.40 17.72
CA ALA A 507 20.04 10.32 18.86
C ALA A 507 18.92 9.93 19.82
N VAL A 508 17.89 9.28 19.29
CA VAL A 508 16.84 8.71 20.13
C VAL A 508 17.13 7.22 20.33
N PRO A 509 17.36 6.83 21.60
CA PRO A 509 17.72 5.44 21.95
C PRO A 509 16.69 4.41 21.48
N ALA A 510 15.42 4.79 21.47
CA ALA A 510 14.37 3.89 20.99
C ALA A 510 14.53 3.62 19.50
N HIS A 511 15.04 4.61 18.77
CA HIS A 511 15.24 4.50 17.34
C HIS A 511 16.63 3.98 17.00
N ALA A 512 17.49 3.89 18.02
CA ALA A 512 18.90 3.56 17.83
C ALA A 512 19.11 2.17 17.22
N ALA A 513 18.29 1.21 17.64
CA ALA A 513 18.42 -0.16 17.15
C ALA A 513 17.91 -0.30 15.71
N ASP A 514 16.63 0.03 15.52
CA ASP A 514 15.98 -0.08 14.22
C ASP A 514 16.40 1.09 13.33
N ASN A 515 17.24 0.81 12.34
CA ASN A 515 17.77 1.87 11.48
C ASN A 515 16.79 2.37 10.42
N ARG A 516 15.60 1.78 10.38
CA ARG A 516 14.55 2.22 9.46
C ARG A 516 14.12 3.66 9.78
N TRP A 517 14.52 4.15 10.96
CA TRP A 517 14.25 5.52 11.34
C TRP A 517 15.13 6.50 10.58
N VAL A 518 15.97 5.99 9.70
CA VAL A 518 16.77 6.86 8.83
C VAL A 518 15.87 7.46 7.75
N HIS A 519 14.71 6.83 7.53
CA HIS A 519 13.74 7.32 6.57
C HIS A 519 12.37 7.55 7.20
N ARG A 520 12.36 7.71 8.52
CA ARG A 520 11.14 8.07 9.24
C ARG A 520 11.37 9.35 10.04
N PRO A 521 11.62 10.47 9.35
CA PRO A 521 12.05 11.68 10.04
C PRO A 521 10.90 12.52 10.61
N GLN A 522 11.23 13.42 11.53
CA GLN A 522 10.27 14.34 12.09
C GLN A 522 10.03 15.50 11.10
N MET A 523 8.78 15.92 10.99
CA MET A 523 8.42 16.96 10.04
C MET A 523 8.89 18.34 10.51
N ASP A 524 9.83 18.92 9.76
CA ASP A 524 10.35 20.26 10.05
C ASP A 524 9.49 21.28 9.30
N TRP A 525 8.56 21.91 10.01
CA TRP A 525 7.60 22.80 9.36
C TRP A 525 8.19 24.13 8.90
N GLU A 526 9.40 24.44 9.36
CA GLU A 526 10.11 25.60 8.87
C GLU A 526 10.70 25.29 7.49
N LEU A 527 11.21 24.07 7.36
CA LEU A 527 11.70 23.57 6.08
C LEU A 527 10.54 23.55 5.10
N VAL A 528 9.41 23.03 5.55
CA VAL A 528 8.19 22.98 4.76
C VAL A 528 7.78 24.38 4.30
N ALA A 529 7.67 25.30 5.25
CA ALA A 529 7.24 26.66 4.94
C ALA A 529 8.18 27.36 3.96
N SER A 530 9.49 27.09 4.11
CA SER A 530 10.47 27.71 3.22
C SER A 530 10.39 27.15 1.80
N ALA A 531 10.38 25.82 1.70
CA ALA A 531 10.29 25.14 0.41
C ALA A 531 9.01 25.54 -0.33
N GLN A 532 7.98 25.88 0.44
CA GLN A 532 6.68 26.24 -0.11
C GLN A 532 6.65 27.70 -0.55
N GLN A 539 9.77 29.68 -9.82
CA GLN A 539 11.19 29.54 -10.09
C GLN A 539 11.96 29.15 -8.82
N PRO A 540 11.87 27.88 -8.43
CA PRO A 540 12.50 27.41 -7.19
C PRO A 540 14.02 27.28 -7.34
N VAL A 541 14.75 27.61 -6.28
CA VAL A 541 16.20 27.41 -6.27
C VAL A 541 16.56 26.33 -5.26
N THR A 542 15.72 26.20 -4.23
CA THR A 542 15.88 25.17 -3.23
C THR A 542 15.48 23.81 -3.79
N PRO A 543 16.28 22.77 -3.50
CA PRO A 543 16.00 21.39 -3.93
C PRO A 543 14.62 20.94 -3.47
N ALA A 544 14.29 21.24 -2.22
CA ALA A 544 12.99 20.92 -1.66
C ALA A 544 11.90 21.68 -2.42
N GLY A 545 12.16 22.94 -2.72
CA GLY A 545 11.23 23.75 -3.48
C GLY A 545 11.00 23.23 -4.88
N ARG A 546 12.08 22.81 -5.54
CA ARG A 546 11.99 22.29 -6.90
C ARG A 546 11.21 20.97 -6.94
N MET A 547 11.47 20.11 -5.95
CA MET A 547 10.73 18.85 -5.83
C MET A 547 9.24 19.11 -5.58
N PHE A 548 8.97 20.06 -4.69
CA PHE A 548 7.61 20.46 -4.36
C PHE A 548 6.88 20.96 -5.60
N ALA A 549 7.55 21.80 -6.38
CA ALA A 549 6.97 22.37 -7.59
C ALA A 549 6.67 21.29 -8.62
N GLY A 550 7.67 20.47 -8.93
CA GLY A 550 7.50 19.38 -9.88
C GLY A 550 6.35 18.48 -9.50
N LEU A 551 6.31 18.07 -8.24
CA LEU A 551 5.25 17.19 -7.75
C LEU A 551 3.87 17.84 -7.81
N ARG A 552 3.81 19.13 -7.49
CA ARG A 552 2.57 19.89 -7.60
C ARG A 552 2.04 19.87 -9.03
N HIS A 553 2.94 20.06 -9.99
CA HIS A 553 2.56 19.99 -11.40
C HIS A 553 2.03 18.61 -11.76
N LEU A 554 2.80 17.58 -11.42
CA LEU A 554 2.39 16.21 -11.68
C LEU A 554 1.00 15.91 -11.11
N LEU A 555 0.74 16.40 -9.91
CA LEU A 555 -0.54 16.20 -9.25
C LEU A 555 -1.66 16.93 -9.98
N ALA A 556 -1.41 18.15 -10.41
CA ALA A 556 -2.42 18.89 -11.17
C ALA A 556 -2.78 18.12 -12.44
N VAL A 557 -1.75 17.75 -13.21
CA VAL A 557 -1.95 17.02 -14.46
C VAL A 557 -2.70 15.72 -14.22
N ARG A 558 -2.38 15.02 -13.13
CA ARG A 558 -3.10 13.80 -12.79
C ARG A 558 -4.57 14.07 -12.53
N ARG A 559 -4.86 15.03 -11.65
CA ARG A 559 -6.23 15.39 -11.31
C ARG A 559 -7.05 15.68 -12.56
N ARG A 560 -6.45 16.36 -13.53
CA ARG A 560 -7.14 16.61 -14.80
C ARG A 560 -7.45 15.31 -15.53
N THR A 561 -6.40 14.57 -15.86
CA THR A 561 -6.46 13.40 -16.76
C THR A 561 -7.47 12.32 -16.35
N PRO A 562 -8.58 12.21 -17.09
CA PRO A 562 -9.62 11.22 -16.79
C PRO A 562 -9.15 9.81 -17.04
N HIS A 563 -8.12 9.66 -17.86
CA HIS A 563 -7.62 8.34 -18.26
C HIS A 563 -7.10 7.55 -17.06
N LEU A 564 -6.59 8.26 -16.05
CA LEU A 564 -5.97 7.62 -14.89
C LEU A 564 -6.96 7.05 -13.87
N HIS A 565 -8.21 6.82 -14.29
CA HIS A 565 -9.20 6.21 -13.42
C HIS A 565 -8.78 4.77 -13.14
N ALA A 566 -8.75 4.41 -11.87
CA ALA A 566 -8.14 3.15 -11.42
C ALA A 566 -8.80 1.91 -12.01
N SER A 567 -10.01 2.08 -12.52
CA SER A 567 -10.76 1.02 -13.16
C SER A 567 -9.96 0.39 -14.31
N THR A 568 -9.25 1.22 -15.05
CA THR A 568 -8.44 0.77 -16.18
C THR A 568 -6.99 0.53 -15.75
N GLU A 569 -6.45 -0.65 -16.05
CA GLU A 569 -5.09 -0.99 -15.64
C GLU A 569 -4.04 -0.60 -16.67
N SER A 570 -2.87 -0.17 -16.18
CA SER A 570 -1.72 0.04 -17.06
C SER A 570 -1.17 -1.28 -17.55
N ARG A 571 -1.01 -1.41 -18.86
CA ARG A 571 -0.42 -2.62 -19.44
C ARG A 571 0.91 -2.30 -20.08
N PRO A 572 1.89 -3.21 -19.97
CA PRO A 572 3.21 -2.88 -20.52
C PRO A 572 3.28 -3.15 -22.01
N LEU A 573 3.91 -2.24 -22.75
CA LEU A 573 4.14 -2.44 -24.17
C LEU A 573 5.62 -2.72 -24.43
N PRO A 574 5.92 -3.56 -25.41
CA PRO A 574 7.33 -3.82 -25.76
C PRO A 574 7.97 -2.57 -26.34
N SER A 575 9.24 -2.34 -26.00
CA SER A 575 9.96 -1.17 -26.50
C SER A 575 11.21 -1.56 -27.27
N PRO A 576 11.55 -0.79 -28.33
CA PRO A 576 12.77 -1.00 -29.09
C PRO A 576 14.01 -0.69 -28.25
N ASP A 577 13.86 0.27 -27.33
CA ASP A 577 14.96 0.68 -26.48
C ASP A 577 14.71 0.27 -25.03
N PRO A 578 15.59 -0.59 -24.48
CA PRO A 578 15.49 -1.09 -23.11
C PRO A 578 15.38 0.03 -22.07
N CYS A 579 15.95 1.19 -22.38
CA CYS A 579 15.93 2.32 -21.46
C CYS A 579 14.56 2.97 -21.36
N VAL A 580 13.75 2.79 -22.39
CA VAL A 580 12.43 3.40 -22.46
C VAL A 580 11.33 2.44 -22.03
N LEU A 581 10.50 2.88 -21.09
CA LEU A 581 9.33 2.13 -20.64
C LEU A 581 8.06 2.68 -21.28
N LEU A 582 7.29 1.79 -21.90
CA LEU A 582 6.01 2.16 -22.50
C LEU A 582 4.84 1.54 -21.75
N LEU A 583 3.96 2.39 -21.22
CA LEU A 583 2.76 1.88 -20.55
C LEU A 583 1.47 2.36 -21.23
N ARG A 584 0.65 1.41 -21.65
CA ARG A 584 -0.58 1.69 -22.38
C ARG A 584 -1.76 1.64 -21.42
N ARG A 585 -2.61 2.66 -21.48
CA ARG A 585 -3.87 2.64 -20.73
C ARG A 585 -5.02 2.91 -21.67
N GLU A 586 -5.86 1.89 -21.88
CA GLU A 586 -6.97 2.02 -22.81
C GLU A 586 -8.25 2.43 -22.09
N HIS A 587 -8.33 3.71 -21.75
CA HIS A 587 -9.51 4.26 -21.10
C HIS A 587 -10.53 4.62 -22.18
N PRO A 588 -11.83 4.46 -21.86
CA PRO A 588 -12.91 4.74 -22.81
C PRO A 588 -12.79 6.06 -23.57
N THR A 589 -12.19 7.08 -22.93
CA THR A 589 -12.10 8.40 -23.55
C THR A 589 -10.96 8.50 -24.56
N GLY A 590 -9.97 7.63 -24.43
CA GLY A 590 -8.85 7.63 -25.36
C GLY A 590 -7.67 6.80 -24.86
N VAL A 591 -6.81 6.38 -25.79
CA VAL A 591 -5.60 5.66 -25.42
C VAL A 591 -4.58 6.63 -24.82
N LEU A 592 -4.13 6.33 -23.61
CA LEU A 592 -3.07 7.11 -22.99
C LEU A 592 -1.77 6.33 -23.00
N LEU A 593 -0.79 6.85 -23.72
CA LEU A 593 0.50 6.18 -23.83
C LEU A 593 1.52 6.91 -22.99
N GLN A 594 2.03 6.25 -21.95
CA GLN A 594 3.07 6.83 -21.12
C GLN A 594 4.44 6.37 -21.58
N VAL A 595 5.36 7.32 -21.69
CA VAL A 595 6.73 7.05 -22.12
C VAL A 595 7.68 7.51 -21.04
N TYR A 596 8.59 6.64 -20.62
CA TYR A 596 9.55 7.02 -19.59
C TYR A 596 10.99 6.66 -19.97
N ASN A 597 11.92 7.58 -19.77
CA ASN A 597 13.33 7.29 -19.98
C ASN A 597 13.99 6.96 -18.64
N PHE A 598 14.22 5.68 -18.39
CA PHE A 598 14.80 5.26 -17.11
C PHE A 598 16.32 5.40 -17.06
N SER A 599 16.88 6.18 -17.98
CA SER A 599 18.33 6.38 -18.01
C SER A 599 18.67 7.86 -17.91
N GLU A 600 19.95 8.14 -17.79
CA GLU A 600 20.45 9.51 -17.81
C GLU A 600 20.95 9.85 -19.20
N HIS A 601 20.59 9.03 -20.18
CA HIS A 601 21.03 9.23 -21.55
C HIS A 601 20.07 10.13 -22.33
N HIS A 602 20.58 10.77 -23.37
CA HIS A 602 19.71 11.47 -24.32
C HIS A 602 19.35 10.49 -25.43
N ILE A 603 18.17 9.91 -25.34
CA ILE A 603 17.76 8.84 -26.26
C ILE A 603 17.21 9.39 -27.57
N THR A 604 17.57 8.73 -28.68
CA THR A 604 16.91 8.97 -29.95
C THR A 604 15.91 7.85 -30.15
N PHE A 605 14.65 8.11 -29.83
CA PHE A 605 13.63 7.07 -29.84
C PHE A 605 12.82 7.12 -31.14
N PRO A 606 12.52 5.95 -31.71
CA PRO A 606 11.69 5.86 -32.92
C PRO A 606 10.26 6.28 -32.62
N THR A 607 9.58 6.89 -33.58
CA THR A 607 8.20 7.34 -33.35
C THR A 607 7.18 6.24 -33.63
N TRP A 608 7.59 5.21 -34.36
CA TRP A 608 6.66 4.13 -34.71
C TRP A 608 5.90 3.46 -33.54
N PRO A 609 6.57 3.23 -32.38
CA PRO A 609 5.79 2.65 -31.29
C PRO A 609 4.67 3.59 -30.82
N LEU A 610 4.91 4.89 -30.93
CA LEU A 610 3.91 5.88 -30.58
C LEU A 610 2.94 6.05 -31.75
N GLN A 611 3.51 6.00 -32.96
CA GLN A 611 2.75 6.16 -34.19
C GLN A 611 1.61 5.15 -34.31
N GLU A 612 1.90 3.90 -34.02
CA GLU A 612 0.89 2.85 -34.19
C GLU A 612 -0.02 2.76 -32.98
N GLN A 613 0.00 3.79 -32.15
CA GLN A 613 -0.77 3.80 -30.91
C GLN A 613 -1.67 5.03 -30.83
N LEU A 614 -1.19 6.16 -31.33
CA LEU A 614 -1.90 7.42 -31.19
C LEU A 614 -2.19 8.12 -32.50
N GLY A 615 -1.55 7.66 -33.58
CA GLY A 615 -1.73 8.26 -34.88
C GLY A 615 -0.58 9.18 -35.26
N ALA A 616 -0.84 10.12 -36.16
CA ALA A 616 0.20 10.98 -36.69
C ALA A 616 0.54 12.15 -35.78
N VAL A 617 -0.38 12.50 -34.87
CA VAL A 617 -0.17 13.64 -33.98
C VAL A 617 -0.40 13.27 -32.51
N ALA A 618 0.53 13.65 -31.65
CA ALA A 618 0.42 13.36 -30.23
C ALA A 618 0.45 14.62 -29.36
N HIS A 619 -0.28 14.56 -28.26
CA HIS A 619 -0.37 15.67 -27.32
C HIS A 619 0.13 15.21 -25.95
N ASP A 620 1.19 15.87 -25.46
CA ASP A 620 1.76 15.54 -24.15
C ASP A 620 1.04 16.29 -23.03
N LEU A 621 0.43 15.54 -22.11
CA LEU A 621 -0.34 16.13 -21.02
C LEU A 621 0.57 16.77 -19.98
N LEU A 622 1.78 16.24 -19.85
CA LEU A 622 2.72 16.69 -18.83
C LEU A 622 3.40 18.01 -19.18
N GLY A 623 3.85 18.13 -20.44
CA GLY A 623 4.55 19.32 -20.87
C GLY A 623 3.70 20.26 -21.71
N GLU A 624 2.41 19.98 -21.82
CA GLU A 624 1.49 20.72 -22.68
C GLU A 624 2.02 20.90 -24.11
N SER A 625 2.84 19.96 -24.54
CA SER A 625 3.43 19.99 -25.87
C SER A 625 2.56 19.21 -26.85
N GLN A 626 2.81 19.38 -28.14
CA GLN A 626 2.06 18.65 -29.16
C GLN A 626 2.91 18.44 -30.41
N PHE A 627 3.39 17.22 -30.61
CA PHE A 627 4.31 16.94 -31.70
C PHE A 627 3.86 15.86 -32.67
N HIS A 628 4.47 15.86 -33.86
CA HIS A 628 4.09 14.96 -34.95
C HIS A 628 4.86 13.64 -34.87
N LEU A 629 4.18 12.55 -35.20
CA LEU A 629 4.75 11.21 -35.09
C LEU A 629 5.13 10.63 -36.45
N GLY A 630 5.31 11.51 -37.43
CA GLY A 630 5.71 11.11 -38.77
C GLY A 630 7.21 10.99 -38.89
N GLY A 631 7.91 12.05 -38.49
CA GLY A 631 9.37 12.08 -38.50
C GLY A 631 9.93 10.91 -37.71
N PRO A 632 10.87 10.17 -38.31
CA PRO A 632 11.38 8.89 -37.81
C PRO A 632 11.76 8.89 -36.32
N ASP A 633 12.36 9.97 -35.84
CA ASP A 633 12.88 9.98 -34.47
C ASP A 633 12.46 11.19 -33.66
N LEU A 634 12.38 11.01 -32.34
CA LEU A 634 12.21 12.11 -31.40
C LEU A 634 13.15 11.91 -30.21
N ALA A 635 13.59 13.01 -29.61
CA ALA A 635 14.57 12.96 -28.53
C ALA A 635 13.92 12.86 -27.15
N LEU A 636 14.49 12.00 -26.30
CA LEU A 636 14.10 11.92 -24.90
C LEU A 636 15.26 12.35 -24.02
N GLU A 637 15.10 13.47 -23.32
CA GLU A 637 16.13 13.93 -22.40
C GLU A 637 16.17 13.01 -21.19
N PRO A 638 17.27 13.03 -20.43
CA PRO A 638 17.40 12.18 -19.23
C PRO A 638 16.18 12.22 -18.32
N TYR A 639 15.64 11.04 -18.03
CA TYR A 639 14.54 10.87 -17.08
C TYR A 639 13.28 11.61 -17.48
N ARG A 640 13.10 11.81 -18.78
CA ARG A 640 11.92 12.47 -19.31
C ARG A 640 10.70 11.59 -19.09
N ALA A 641 9.56 12.23 -18.83
CA ALA A 641 8.30 11.51 -18.71
C ALA A 641 7.22 12.14 -19.58
N LEU A 642 6.66 11.34 -20.47
CA LEU A 642 5.60 11.80 -21.36
C LEU A 642 4.28 11.10 -21.06
N TRP A 643 3.20 11.87 -21.02
CA TRP A 643 1.85 11.34 -20.99
C TRP A 643 1.16 11.74 -22.28
N LEU A 644 1.21 10.86 -23.28
CA LEU A 644 0.74 11.17 -24.62
C LEU A 644 -0.70 10.72 -24.88
N VAL A 645 -1.44 11.56 -25.60
CA VAL A 645 -2.76 11.21 -26.10
C VAL A 645 -2.83 11.59 -27.56
N ALA A 646 -3.93 11.25 -28.23
CA ALA A 646 -4.10 11.63 -29.61
C ALA A 646 -4.29 13.14 -29.73
N GLY A 647 -3.31 13.81 -30.33
CA GLY A 647 -3.35 15.26 -30.45
C GLY A 647 -4.09 15.70 -31.70
N GLY A 648 -4.49 14.87 -32.51
#